data_5HD9
#
_entry.id   5HD9
#
_cell.length_a   33.103
_cell.length_b   36.835
_cell.length_c   139.017
_cell.angle_alpha   90.000
_cell.angle_beta   90.000
_cell.angle_gamma   90.000
#
_symmetry.space_group_name_H-M   'P 21 21 21'
#
loop_
_entity.id
_entity.type
_entity.pdbx_description
1 polymer 'Encapsidation protein'
2 water water
#
_entity_poly.entity_id   1
_entity_poly.type   'polypeptide(L)'
_entity_poly.pdbx_seq_one_letter_code
;SLFYNPQK(MSE)LSYDRILNFVIGARGIGKSYA(MSE)KVYPINRFIKYGEQFIYVRRYKPELAKVSNYFNDVAQEFPD
HELVVKGRRFYIDGKLAGWAIPLSVWQSEKSNAYPNVSTIVFDEFIREKDNSNYIPNEVSALLNL(MSE)DTVFRNRERV
RCICLSNAVSVVNPYFLFFNLVPDVNKRFNVYDDALIEIPDSLDFS
;
_entity_poly.pdbx_strand_id   A
#
# COMPACT_ATOMS: atom_id res chain seq x y z
N SER A 1 -1.38 -14.50 -2.49
CA SER A 1 -1.30 -14.81 -3.91
C SER A 1 -0.65 -16.17 -4.13
N LEU A 2 -0.52 -16.57 -5.39
CA LEU A 2 0.02 -17.90 -5.71
C LEU A 2 1.44 -18.10 -5.22
N PHE A 3 2.27 -17.07 -5.32
CA PHE A 3 3.70 -17.21 -5.03
C PHE A 3 4.17 -16.29 -3.91
N TYR A 4 3.45 -15.19 -3.65
CA TYR A 4 3.78 -14.31 -2.54
C TYR A 4 2.75 -14.43 -1.43
N ASN A 5 3.23 -14.79 -0.23
CA ASN A 5 2.39 -14.92 0.95
C ASN A 5 2.68 -13.79 1.92
N PRO A 6 1.75 -12.84 2.08
CA PRO A 6 2.04 -11.69 2.94
C PRO A 6 1.90 -11.98 4.44
N GLN A 7 1.57 -13.22 4.79
CA GLN A 7 1.29 -13.56 6.18
C GLN A 7 2.45 -13.21 7.11
N LYS A 8 3.67 -13.60 6.74
CA LYS A 8 4.80 -13.35 7.63
C LYS A 8 5.06 -11.87 7.77
N MSE A 9 5.02 -11.14 6.66
CA MSE A 9 5.20 -9.69 6.68
C MSE A 9 4.19 -9.02 7.60
O MSE A 9 4.54 -8.18 8.42
CB MSE A 9 5.08 -9.12 5.26
CG MSE A 9 5.29 -7.61 5.16
SE MSE A 9 3.64 -6.57 5.33
CE MSE A 9 2.77 -7.11 3.67
H MSE A 9 4.88 -11.47 5.88
HA MSE A 9 6.09 -9.49 7.00
HB2 MSE A 9 5.74 -9.55 4.69
HB3 MSE A 9 4.19 -9.31 4.92
HG2 MSE A 9 5.90 -7.33 5.87
HG3 MSE A 9 5.69 -7.40 4.30
HE1 MSE A 9 1.91 -6.67 3.60
HE2 MSE A 9 3.33 -6.86 2.91
HE3 MSE A 9 2.65 -8.07 3.68
N LEU A 10 2.92 -9.42 7.46
CA LEU A 10 1.83 -8.84 8.25
C LEU A 10 1.94 -9.19 9.73
N SER A 11 2.50 -10.37 10.02
CA SER A 11 2.61 -10.83 11.40
C SER A 11 3.51 -9.94 12.24
N TYR A 12 4.43 -9.23 11.60
CA TYR A 12 5.31 -8.31 12.31
C TYR A 12 4.52 -7.16 12.94
N ASP A 13 3.36 -6.87 12.36
CA ASP A 13 2.44 -5.90 12.94
C ASP A 13 3.07 -4.50 13.02
N ARG A 14 3.88 -4.15 12.02
CA ARG A 14 4.52 -2.83 11.98
C ARG A 14 3.62 -1.82 11.27
N ILE A 15 3.67 -0.57 11.72
CA ILE A 15 2.83 0.49 11.16
C ILE A 15 3.27 0.85 9.74
N LEU A 16 4.57 0.75 9.49
CA LEU A 16 5.14 1.10 8.19
C LEU A 16 5.87 -0.10 7.60
N ASN A 17 5.53 -0.46 6.37
CA ASN A 17 6.09 -1.64 5.71
C ASN A 17 6.51 -1.32 4.28
N PHE A 18 7.71 -1.78 3.91
CA PHE A 18 8.22 -1.60 2.55
C PHE A 18 8.59 -2.94 1.94
N VAL A 19 7.84 -3.34 0.90
CA VAL A 19 8.15 -4.57 0.16
C VAL A 19 8.77 -4.18 -1.18
N ILE A 20 10.03 -4.56 -1.38
CA ILE A 20 10.79 -4.09 -2.53
C ILE A 20 11.44 -5.23 -3.30
N GLY A 21 11.93 -4.92 -4.49
CA GLY A 21 12.43 -5.93 -5.40
C GLY A 21 11.30 -6.80 -5.92
N ALA A 22 10.07 -6.38 -5.61
CA ALA A 22 8.88 -7.14 -5.95
C ALA A 22 8.78 -7.33 -7.46
N ARG A 23 8.94 -8.56 -7.92
CA ARG A 23 8.81 -8.84 -9.33
C ARG A 23 7.34 -9.15 -9.66
N GLY A 24 6.91 -8.67 -10.81
CA GLY A 24 5.50 -8.51 -11.13
C GLY A 24 4.60 -9.71 -10.92
N ILE A 25 3.56 -9.48 -10.12
CA ILE A 25 2.36 -10.32 -10.02
C ILE A 25 1.73 -10.21 -8.63
N GLY A 26 2.40 -10.77 -7.63
CA GLY A 26 1.72 -11.24 -6.44
C GLY A 26 1.59 -10.20 -5.34
N LYS A 27 2.61 -9.36 -5.22
CA LYS A 27 2.68 -8.40 -4.15
C LYS A 27 1.53 -7.41 -4.26
N SER A 28 1.37 -6.84 -5.45
CA SER A 28 0.30 -5.88 -5.70
C SER A 28 -1.06 -6.56 -5.62
N TYR A 29 -1.14 -7.74 -6.20
CA TYR A 29 -2.35 -8.55 -6.16
C TYR A 29 -2.75 -8.86 -4.72
N ALA A 30 -1.79 -9.37 -3.95
CA ALA A 30 -2.03 -9.74 -2.56
C ALA A 30 -2.56 -8.55 -1.76
N MSE A 31 -2.07 -7.37 -2.07
CA MSE A 31 -2.42 -6.17 -1.30
C MSE A 31 -3.69 -5.51 -1.83
O MSE A 31 -4.09 -4.44 -1.37
CB MSE A 31 -1.26 -5.17 -1.32
CG MSE A 31 -0.05 -5.60 -0.47
SE MSE A 31 -0.53 -6.06 1.38
CE MSE A 31 -0.70 -7.99 1.21
H MSE A 31 -1.52 -7.21 -2.72
HA MSE A 31 -2.57 -6.43 -0.38
HB2 MSE A 31 -0.96 -5.05 -2.22
HB3 MSE A 31 -1.57 -4.33 -0.95
HG2 MSE A 31 0.34 -6.39 -0.88
HG3 MSE A 31 0.59 -4.88 -0.45
HE1 MSE A 31 -0.93 -8.36 2.07
HE2 MSE A 31 -1.40 -8.19 0.57
HE3 MSE A 31 0.14 -8.36 0.91
N LYS A 32 -4.32 -6.16 -2.81
CA LYS A 32 -5.71 -5.84 -3.16
C LYS A 32 -6.61 -6.79 -2.36
N VAL A 33 -6.26 -8.07 -2.36
CA VAL A 33 -7.04 -9.11 -1.68
C VAL A 33 -7.13 -8.88 -0.17
N TYR A 34 -6.02 -8.49 0.46
CA TYR A 34 -5.99 -8.37 1.91
C TYR A 34 -6.96 -7.32 2.43
N PRO A 35 -6.87 -6.06 1.95
CA PRO A 35 -7.81 -5.05 2.46
C PRO A 35 -9.28 -5.34 2.10
N ILE A 36 -9.53 -5.96 0.96
CA ILE A 36 -10.89 -6.34 0.59
C ILE A 36 -11.44 -7.34 1.60
N ASN A 37 -10.61 -8.28 2.02
CA ASN A 37 -11.02 -9.26 3.02
C ASN A 37 -11.25 -8.62 4.38
N ARG A 38 -10.43 -7.61 4.72
CA ARG A 38 -10.58 -6.93 6.01
C ARG A 38 -11.90 -6.16 6.04
N PHE A 39 -12.32 -5.61 4.91
CA PHE A 39 -13.58 -4.89 4.87
C PHE A 39 -14.76 -5.84 4.98
N ILE A 40 -14.73 -6.91 4.20
CA ILE A 40 -15.81 -7.88 4.19
C ILE A 40 -15.98 -8.52 5.57
N LYS A 41 -14.85 -8.84 6.21
CA LYS A 41 -14.89 -9.47 7.54
C LYS A 41 -15.24 -8.48 8.65
N TYR A 42 -14.55 -7.34 8.67
CA TYR A 42 -14.56 -6.45 9.83
C TYR A 42 -14.96 -5.01 9.52
N GLY A 43 -15.25 -4.71 8.26
CA GLY A 43 -15.64 -3.36 7.87
C GLY A 43 -14.50 -2.36 7.90
N GLU A 44 -13.27 -2.87 7.99
CA GLU A 44 -12.09 -2.03 7.92
C GLU A 44 -11.92 -1.49 6.51
N GLN A 45 -11.72 -0.17 6.41
CA GLN A 45 -11.58 0.47 5.11
C GLN A 45 -10.11 0.61 4.74
N PHE A 46 -9.84 0.97 3.50
CA PHE A 46 -8.47 1.04 3.02
C PHE A 46 -8.26 2.19 2.05
N ILE A 47 -7.00 2.63 1.95
CA ILE A 47 -6.63 3.67 1.01
C ILE A 47 -5.52 3.17 0.09
N TYR A 48 -5.76 3.32 -1.21
CA TYR A 48 -4.78 3.00 -2.24
C TYR A 48 -4.12 4.30 -2.67
N VAL A 49 -2.82 4.42 -2.40
CA VAL A 49 -2.08 5.63 -2.69
C VAL A 49 -1.14 5.42 -3.88
N ARG A 50 -1.16 6.38 -4.79
CA ARG A 50 -0.15 6.50 -5.83
C ARG A 50 0.38 7.93 -5.76
N ARG A 51 1.60 8.14 -6.22
CA ARG A 51 2.24 9.45 -6.07
C ARG A 51 1.54 10.53 -6.88
N TYR A 52 1.32 10.26 -8.16
CA TYR A 52 0.76 11.24 -9.09
C TYR A 52 -0.54 10.77 -9.71
N LYS A 53 -1.35 11.73 -10.13
CA LYS A 53 -2.67 11.47 -10.70
C LYS A 53 -2.69 10.51 -11.90
N PRO A 54 -1.74 10.66 -12.85
CA PRO A 54 -1.80 9.76 -14.01
C PRO A 54 -1.65 8.28 -13.65
N GLU A 55 -1.05 8.00 -12.50
CA GLU A 55 -0.87 6.63 -12.05
C GLU A 55 -2.21 6.01 -11.65
N LEU A 56 -3.24 6.86 -11.53
CA LEU A 56 -4.59 6.41 -11.21
C LEU A 56 -5.54 6.62 -12.38
N ALA A 57 -4.98 6.82 -13.58
CA ALA A 57 -5.78 7.08 -14.77
C ALA A 57 -6.75 5.92 -15.08
N LYS A 58 -6.35 4.71 -14.72
CA LYS A 58 -7.13 3.50 -15.03
C LYS A 58 -7.63 2.85 -13.75
N VAL A 59 -7.84 3.64 -12.71
CA VAL A 59 -8.24 3.10 -11.42
C VAL A 59 -9.63 2.45 -11.49
N SER A 60 -10.37 2.72 -12.56
CA SER A 60 -11.67 2.08 -12.76
C SER A 60 -11.51 0.57 -12.93
N ASN A 61 -10.30 0.13 -13.29
CA ASN A 61 -9.99 -1.28 -13.48
C ASN A 61 -9.43 -1.94 -12.23
N TYR A 62 -9.44 -1.22 -11.11
CA TYR A 62 -8.76 -1.66 -9.88
C TYR A 62 -9.13 -3.09 -9.44
N PHE A 63 -10.41 -3.43 -9.52
CA PHE A 63 -10.87 -4.71 -9.00
C PHE A 63 -10.75 -5.87 -9.99
N ASN A 64 -10.33 -5.59 -11.23
CA ASN A 64 -10.25 -6.62 -12.26
C ASN A 64 -9.32 -7.77 -11.89
N ASP A 65 -8.20 -7.45 -11.25
CA ASP A 65 -7.24 -8.47 -10.81
C ASP A 65 -7.90 -9.51 -9.90
N VAL A 66 -8.77 -9.03 -9.01
CA VAL A 66 -9.23 -9.82 -7.87
C VAL A 66 -10.72 -10.14 -7.93
N ALA A 67 -11.36 -9.78 -9.03
CA ALA A 67 -12.80 -9.99 -9.18
C ALA A 67 -13.18 -11.46 -9.02
N GLN A 68 -12.31 -12.36 -9.46
CA GLN A 68 -12.61 -13.78 -9.43
C GLN A 68 -12.50 -14.35 -8.00
N GLU A 69 -11.87 -13.59 -7.10
CA GLU A 69 -11.73 -14.01 -5.71
C GLU A 69 -12.97 -13.73 -4.87
N PHE A 70 -13.79 -12.78 -5.34
CA PHE A 70 -14.96 -12.34 -4.60
C PHE A 70 -16.18 -12.30 -5.52
N PRO A 71 -16.54 -13.47 -6.09
CA PRO A 71 -17.63 -13.51 -7.07
C PRO A 71 -18.99 -13.10 -6.49
N ASP A 72 -19.21 -13.36 -5.21
CA ASP A 72 -20.50 -13.09 -4.57
C ASP A 72 -20.50 -11.75 -3.83
N HIS A 73 -19.55 -10.89 -4.18
CA HIS A 73 -19.51 -9.53 -3.68
C HIS A 73 -19.45 -8.58 -4.86
N GLU A 74 -20.17 -7.46 -4.76
CA GLU A 74 -20.18 -6.47 -5.84
C GLU A 74 -19.09 -5.45 -5.59
N LEU A 75 -18.06 -5.49 -6.43
CA LEU A 75 -16.90 -4.60 -6.30
C LEU A 75 -17.00 -3.50 -7.34
N VAL A 76 -17.11 -2.25 -6.86
CA VAL A 76 -17.40 -1.12 -7.72
C VAL A 76 -16.43 0.04 -7.50
N VAL A 77 -16.01 0.65 -8.60
CA VAL A 77 -15.24 1.89 -8.54
C VAL A 77 -16.08 3.01 -9.14
N LYS A 78 -16.21 4.10 -8.40
CA LYS A 78 -16.82 5.33 -8.90
C LYS A 78 -15.87 6.47 -8.64
N GLY A 79 -15.36 7.08 -9.71
CA GLY A 79 -14.31 8.07 -9.57
C GLY A 79 -13.09 7.43 -8.93
N ARG A 80 -12.65 8.00 -7.81
CA ARG A 80 -11.51 7.47 -7.07
C ARG A 80 -11.93 6.84 -5.74
N ARG A 81 -13.14 6.28 -5.71
CA ARG A 81 -13.66 5.64 -4.51
C ARG A 81 -14.07 4.20 -4.78
N PHE A 82 -13.86 3.34 -3.77
CA PHE A 82 -14.11 1.92 -3.88
C PHE A 82 -15.32 1.52 -3.07
N TYR A 83 -16.21 0.73 -3.67
CA TYR A 83 -17.42 0.26 -3.01
C TYR A 83 -17.50 -1.25 -3.02
N ILE A 84 -17.90 -1.83 -1.90
CA ILE A 84 -18.11 -3.26 -1.78
C ILE A 84 -19.53 -3.52 -1.28
N ASP A 85 -20.32 -4.22 -2.10
CA ASP A 85 -21.73 -4.47 -1.80
C ASP A 85 -22.48 -3.17 -1.50
N GLY A 86 -22.11 -2.11 -2.20
CA GLY A 86 -22.84 -0.85 -2.10
C GLY A 86 -22.38 0.05 -0.97
N LYS A 87 -21.38 -0.40 -0.22
CA LYS A 87 -20.85 0.39 0.90
C LYS A 87 -19.47 0.95 0.57
N LEU A 88 -19.22 2.18 0.99
CA LEU A 88 -17.91 2.79 0.81
C LEU A 88 -16.87 1.99 1.59
N ALA A 89 -15.90 1.44 0.87
CA ALA A 89 -14.90 0.55 1.47
C ALA A 89 -13.49 1.13 1.38
N GLY A 90 -13.24 1.96 0.37
CA GLY A 90 -11.92 2.52 0.22
C GLY A 90 -11.83 3.73 -0.70
N TRP A 91 -10.62 4.29 -0.76
CA TRP A 91 -10.33 5.48 -1.56
C TRP A 91 -9.02 5.31 -2.32
N ALA A 92 -8.98 5.85 -3.54
CA ALA A 92 -7.74 6.00 -4.27
C ALA A 92 -7.30 7.46 -4.16
N ILE A 93 -6.09 7.68 -3.65
CA ILE A 93 -5.61 9.04 -3.40
C ILE A 93 -4.27 9.30 -4.09
N PRO A 94 -4.21 10.36 -4.92
CA PRO A 94 -2.90 10.79 -5.39
C PRO A 94 -2.20 11.58 -4.31
N LEU A 95 -1.02 11.14 -3.87
CA LEU A 95 -0.32 11.79 -2.77
C LEU A 95 -0.04 13.26 -3.08
N SER A 96 0.08 13.58 -4.37
CA SER A 96 0.35 14.94 -4.80
C SER A 96 -0.75 15.93 -4.40
N VAL A 97 -1.98 15.44 -4.25
CA VAL A 97 -3.11 16.31 -3.90
C VAL A 97 -3.79 15.90 -2.60
N TRP A 98 -3.01 15.32 -1.68
CA TRP A 98 -3.57 14.87 -0.41
C TRP A 98 -4.19 16.01 0.39
N GLN A 99 -3.61 17.20 0.29
CA GLN A 99 -4.11 18.36 1.04
C GLN A 99 -5.59 18.62 0.72
N SER A 100 -5.96 18.43 -0.54
CA SER A 100 -7.33 18.68 -0.99
C SER A 100 -8.27 17.55 -0.60
N GLU A 101 -7.71 16.35 -0.39
CA GLU A 101 -8.52 15.18 -0.07
C GLU A 101 -8.87 15.12 1.41
N LYS A 102 -8.26 16.00 2.21
CA LYS A 102 -8.43 15.98 3.65
C LYS A 102 -9.80 16.48 4.10
N SER A 103 -10.50 17.19 3.22
CA SER A 103 -11.83 17.69 3.53
C SER A 103 -12.85 16.55 3.62
N ASN A 104 -12.52 15.42 3.03
CA ASN A 104 -13.41 14.27 3.03
C ASN A 104 -13.31 13.48 4.34
N ALA A 105 -14.24 12.55 4.55
CA ALA A 105 -14.27 11.74 5.76
C ALA A 105 -13.69 10.35 5.53
N TYR A 106 -12.98 9.84 6.54
CA TYR A 106 -12.34 8.54 6.49
C TYR A 106 -12.61 7.82 7.81
N PRO A 107 -13.79 7.20 7.95
CA PRO A 107 -14.26 6.70 9.25
C PRO A 107 -13.46 5.57 9.89
N ASN A 108 -13.02 4.58 9.11
CA ASN A 108 -12.45 3.37 9.70
C ASN A 108 -11.35 2.73 8.86
N VAL A 109 -10.36 3.53 8.46
CA VAL A 109 -9.25 3.03 7.67
C VAL A 109 -8.25 2.32 8.57
N SER A 110 -7.81 1.13 8.16
CA SER A 110 -6.79 0.39 8.91
C SER A 110 -5.63 -0.06 8.02
N THR A 111 -5.79 0.02 6.71
CA THR A 111 -4.72 -0.33 5.79
C THR A 111 -4.53 0.73 4.71
N ILE A 112 -3.27 1.11 4.50
CA ILE A 112 -2.89 1.97 3.38
C ILE A 112 -1.90 1.21 2.49
N VAL A 113 -2.18 1.17 1.21
CA VAL A 113 -1.28 0.55 0.25
C VAL A 113 -0.77 1.60 -0.74
N PHE A 114 0.55 1.82 -0.67
CA PHE A 114 1.23 2.79 -1.51
C PHE A 114 2.06 2.05 -2.54
N ASP A 115 1.50 1.85 -3.73
CA ASP A 115 2.17 1.06 -4.75
C ASP A 115 3.14 1.93 -5.55
N GLU A 116 4.25 1.31 -5.97
CA GLU A 116 5.30 1.97 -6.73
C GLU A 116 5.81 3.23 -6.03
N PHE A 117 6.21 3.09 -4.77
CA PHE A 117 6.58 4.24 -3.94
C PHE A 117 8.00 4.75 -4.21
N ILE A 118 8.78 4.00 -4.98
CA ILE A 118 10.10 4.44 -5.38
C ILE A 118 10.02 5.03 -6.79
N ARG A 119 10.48 6.27 -6.96
CA ARG A 119 10.50 6.87 -8.28
C ARG A 119 11.46 6.05 -9.13
N GLU A 120 10.87 5.22 -9.99
CA GLU A 120 11.55 4.03 -10.50
C GLU A 120 11.96 4.15 -11.97
N LYS A 121 13.25 4.28 -12.25
CA LYS A 121 14.31 4.72 -11.34
C LYS A 121 14.63 6.12 -11.79
N ASP A 122 14.02 6.48 -12.92
CA ASP A 122 14.60 7.40 -13.89
C ASP A 122 15.00 8.75 -13.33
N ASN A 123 14.26 9.22 -12.33
CA ASN A 123 14.53 10.53 -11.77
C ASN A 123 13.93 10.70 -10.38
N SER A 124 14.69 11.33 -9.50
CA SER A 124 14.20 11.63 -8.15
C SER A 124 13.17 12.74 -8.19
N ASN A 125 12.11 12.51 -8.96
CA ASN A 125 10.98 13.42 -9.03
C ASN A 125 9.97 13.04 -7.95
N TYR A 126 10.43 13.08 -6.70
CA TYR A 126 9.55 12.90 -5.56
C TYR A 126 8.87 14.22 -5.26
N ILE A 127 7.76 14.15 -4.54
CA ILE A 127 7.06 15.36 -4.10
C ILE A 127 7.92 16.02 -3.02
N PRO A 128 7.98 17.37 -3.00
CA PRO A 128 8.72 18.02 -1.92
C PRO A 128 8.14 17.68 -0.54
N ASN A 129 9.00 17.28 0.39
CA ASN A 129 8.55 16.85 1.71
C ASN A 129 7.47 15.78 1.60
N GLU A 130 7.68 14.86 0.67
CA GLU A 130 6.72 13.79 0.42
C GLU A 130 6.52 12.89 1.62
N VAL A 131 7.61 12.60 2.35
CA VAL A 131 7.52 11.68 3.48
C VAL A 131 6.62 12.28 4.55
N SER A 132 6.73 13.58 4.76
CA SER A 132 5.84 14.27 5.69
C SER A 132 4.39 14.20 5.23
N ALA A 133 4.18 14.26 3.91
CA ALA A 133 2.84 14.17 3.35
C ALA A 133 2.20 12.82 3.63
N LEU A 134 2.94 11.73 3.39
CA LEU A 134 2.43 10.40 3.68
C LEU A 134 2.19 10.25 5.17
N LEU A 135 3.13 10.76 5.95
CA LEU A 135 3.01 10.74 7.39
C LEU A 135 1.74 11.46 7.83
N ASN A 136 1.47 12.64 7.26
CA ASN A 136 0.26 13.37 7.58
C ASN A 136 -0.99 12.57 7.20
N LEU A 137 -0.95 11.93 6.05
CA LEU A 137 -2.05 11.08 5.60
C LEU A 137 -2.31 9.96 6.62
N MSE A 138 -1.24 9.33 7.07
CA MSE A 138 -1.34 8.22 8.02
C MSE A 138 -1.95 8.67 9.35
O MSE A 138 -2.88 8.03 9.86
CB MSE A 138 0.04 7.60 8.26
CG MSE A 138 0.57 6.87 7.04
SE MSE A 138 2.41 6.27 7.24
CE MSE A 138 2.14 5.08 8.76
H MSE A 138 -0.42 9.52 6.86
HA MSE A 138 -1.91 7.54 7.64
HB2 MSE A 138 0.66 8.30 8.48
HB3 MSE A 138 -0.03 6.97 8.99
HG2 MSE A 138 0.02 6.08 6.88
HG3 MSE A 138 0.53 7.46 6.27
HE1 MSE A 138 3.00 4.68 9.00
HE2 MSE A 138 1.79 5.59 9.51
HE3 MSE A 138 1.52 4.38 8.50
N ASP A 139 -1.44 9.75 9.93
CA ASP A 139 -1.97 10.24 11.19
C ASP A 139 -3.42 10.69 11.04
N THR A 140 -3.77 11.20 9.87
CA THR A 140 -5.12 11.68 9.64
C THR A 140 -6.14 10.53 9.69
N VAL A 141 -5.82 9.40 9.06
CA VAL A 141 -6.79 8.32 8.89
C VAL A 141 -6.63 7.19 9.91
N PHE A 142 -5.45 7.05 10.50
CA PHE A 142 -5.24 6.04 11.55
C PHE A 142 -5.52 6.64 12.92
N ARG A 143 -6.50 6.07 13.60
CA ARG A 143 -6.92 6.54 14.91
C ARG A 143 -5.87 6.23 15.98
N ASN A 144 -5.25 5.07 15.88
CA ASN A 144 -4.15 4.71 16.76
C ASN A 144 -3.25 3.64 16.13
N ARG A 145 -2.29 3.14 16.90
CA ARG A 145 -1.27 2.24 16.38
C ARG A 145 -1.73 0.78 16.33
N GLU A 146 -2.87 0.48 16.93
CA GLU A 146 -3.32 -0.91 17.02
C GLU A 146 -3.93 -1.42 15.71
N ARG A 147 -3.28 -2.43 15.13
CA ARG A 147 -3.81 -3.13 13.96
C ARG A 147 -4.10 -2.19 12.80
N VAL A 148 -3.19 -1.24 12.58
CA VAL A 148 -3.19 -0.45 11.37
C VAL A 148 -1.83 -0.61 10.72
N ARG A 149 -1.77 -0.45 9.41
CA ARG A 149 -0.49 -0.56 8.72
C ARG A 149 -0.52 0.11 7.36
N CYS A 150 0.61 0.74 7.04
CA CYS A 150 0.87 1.28 5.72
C CYS A 150 1.85 0.33 5.06
N ILE A 151 1.53 -0.11 3.85
CA ILE A 151 2.38 -1.03 3.12
C ILE A 151 2.77 -0.40 1.78
N CYS A 152 4.06 -0.15 1.62
CA CYS A 152 4.59 0.46 0.40
C CYS A 152 5.25 -0.60 -0.47
N LEU A 153 4.89 -0.62 -1.76
CA LEU A 153 5.39 -1.63 -2.69
C LEU A 153 6.20 -1.01 -3.82
N SER A 154 7.22 -1.73 -4.27
CA SER A 154 7.99 -1.31 -5.43
C SER A 154 8.69 -2.49 -6.09
N ASN A 155 8.77 -2.43 -7.42
CA ASN A 155 9.54 -3.41 -8.18
C ASN A 155 11.02 -3.05 -8.12
N ALA A 156 11.30 -1.82 -7.72
CA ALA A 156 12.67 -1.35 -7.57
C ALA A 156 13.23 -1.78 -6.22
N VAL A 157 14.52 -1.54 -6.05
CA VAL A 157 15.18 -1.89 -4.80
C VAL A 157 16.27 -0.83 -4.58
N SER A 158 15.86 0.43 -4.69
CA SER A 158 16.69 1.54 -4.30
C SER A 158 16.71 1.62 -2.78
N VAL A 159 17.81 1.18 -2.20
CA VAL A 159 17.97 1.10 -0.75
C VAL A 159 18.19 2.50 -0.18
N VAL A 160 18.41 3.46 -1.07
CA VAL A 160 18.63 4.85 -0.68
C VAL A 160 17.55 5.71 -1.36
N ASN A 161 16.36 5.67 -0.77
CA ASN A 161 15.23 6.47 -1.22
C ASN A 161 14.78 7.37 -0.07
N PRO A 162 13.93 8.37 -0.37
CA PRO A 162 13.57 9.36 0.66
C PRO A 162 13.02 8.75 1.95
N TYR A 163 12.25 7.67 1.84
CA TYR A 163 11.65 7.05 3.01
C TYR A 163 12.70 6.35 3.87
N PHE A 164 13.57 5.58 3.25
CA PHE A 164 14.63 4.89 3.99
C PHE A 164 15.56 5.92 4.64
N LEU A 165 15.89 6.96 3.89
CA LEU A 165 16.75 8.02 4.41
C LEU A 165 16.10 8.75 5.58
N PHE A 166 14.82 9.09 5.40
CA PHE A 166 14.11 9.88 6.40
C PHE A 166 14.02 9.14 7.73
N PHE A 167 13.69 7.84 7.66
CA PHE A 167 13.49 7.03 8.86
C PHE A 167 14.77 6.35 9.34
N ASN A 168 15.87 6.58 8.63
CA ASN A 168 17.16 6.01 9.01
C ASN A 168 17.15 4.49 8.92
N LEU A 169 16.65 3.98 7.80
CA LEU A 169 16.60 2.56 7.54
C LEU A 169 17.69 2.18 6.52
N VAL A 170 18.62 1.34 6.94
CA VAL A 170 19.68 0.86 6.07
C VAL A 170 19.70 -0.66 6.11
N PRO A 171 18.90 -1.31 5.25
CA PRO A 171 18.71 -2.76 5.31
C PRO A 171 19.90 -3.56 4.81
N ASP A 172 19.97 -4.81 5.28
CA ASP A 172 20.92 -5.79 4.77
C ASP A 172 20.26 -6.52 3.61
N VAL A 173 20.82 -6.38 2.42
CA VAL A 173 20.23 -6.97 1.21
C VAL A 173 20.29 -8.51 1.22
N ASN A 174 21.08 -9.09 2.12
CA ASN A 174 21.15 -10.54 2.25
C ASN A 174 19.96 -11.12 3.03
N LYS A 175 19.12 -10.24 3.59
CA LYS A 175 18.01 -10.67 4.42
C LYS A 175 16.66 -10.43 3.74
N ARG A 176 15.76 -11.40 3.82
CA ARG A 176 14.41 -11.17 3.33
C ARG A 176 13.73 -10.11 4.19
N PHE A 177 13.95 -10.18 5.51
CA PHE A 177 13.33 -9.24 6.43
C PHE A 177 14.37 -8.44 7.22
N ASN A 178 14.33 -7.12 7.02
CA ASN A 178 15.02 -6.18 7.88
C ASN A 178 14.01 -5.53 8.82
N VAL A 179 14.19 -5.75 10.11
CA VAL A 179 13.17 -5.42 11.11
C VAL A 179 13.59 -4.25 11.98
N TYR A 180 12.67 -3.32 12.18
CA TYR A 180 12.89 -2.16 13.05
C TYR A 180 11.70 -2.04 13.98
N ASP A 181 11.77 -1.12 14.94
CA ASP A 181 10.73 -1.04 15.97
C ASP A 181 9.35 -0.72 15.39
N ASP A 182 9.29 0.25 14.48
CA ASP A 182 8.02 0.67 13.89
C ASP A 182 7.95 0.46 12.39
N ALA A 183 8.97 -0.18 11.82
CA ALA A 183 9.01 -0.38 10.38
C ALA A 183 9.62 -1.73 10.00
N LEU A 184 9.36 -2.14 8.76
CA LEU A 184 9.78 -3.43 8.25
C LEU A 184 10.09 -3.31 6.75
N ILE A 185 11.22 -3.89 6.34
CA ILE A 185 11.57 -3.96 4.92
C ILE A 185 11.63 -5.41 4.49
N GLU A 186 10.78 -5.80 3.54
CA GLU A 186 10.78 -7.15 3.00
C GLU A 186 11.33 -7.16 1.58
N ILE A 187 12.23 -8.08 1.31
CA ILE A 187 12.70 -8.34 -0.05
C ILE A 187 12.32 -9.76 -0.42
N PRO A 188 11.11 -9.93 -1.00
CA PRO A 188 10.64 -11.29 -1.26
C PRO A 188 11.47 -12.01 -2.32
N ASP A 189 11.72 -13.29 -2.08
CA ASP A 189 12.40 -14.14 -3.05
C ASP A 189 11.38 -15.12 -3.64
N SER A 190 10.16 -14.63 -3.83
CA SER A 190 9.02 -15.48 -4.15
C SER A 190 9.11 -16.16 -5.51
N LEU A 191 9.70 -15.46 -6.49
CA LEU A 191 9.73 -15.95 -7.86
C LEU A 191 11.09 -16.53 -8.25
N ASP A 192 11.95 -16.76 -7.27
CA ASP A 192 13.13 -17.58 -7.46
C ASP A 192 12.76 -19.01 -7.12
N PHE A 193 12.47 -19.81 -8.14
CA PHE A 193 11.93 -21.16 -7.96
C PHE A 193 13.03 -22.21 -7.80
N SER A 194 14.27 -21.81 -8.02
CA SER A 194 15.40 -22.72 -7.95
C SER A 194 15.53 -23.35 -6.57
#